data_8GCZ
#
_entry.id   8GCZ
#
_cell.length_a   61.781
_cell.length_b   65.931
_cell.length_c   91.178
_cell.angle_alpha   90.00
_cell.angle_beta   90.00
_cell.angle_gamma   90.00
#
_symmetry.space_group_name_H-M   'P 21 21 21'
#
loop_
_entity.id
_entity.type
_entity.pdbx_description
1 polymer 'HIV-1 LM/HT Clade A/E CRF01 gp120 core'
2 non-polymer 2-acetamido-2-deoxy-beta-D-glucopyranose
3 non-polymer (3S,5S)-5-(aminomethyl)-N-(4-chloro-3-fluorophenyl)-1-(4-methylpiperazine-1-carbonyl)piperidine-3-carboxamide
4 non-polymer '4-(2-HYDROXYETHYL)-1-PIPERAZINE ETHANESULFONIC ACID'
5 water water
#
_entity_poly.entity_id   1
_entity_poly.type   'polypeptide(L)'
_entity_poly.pdbx_seq_one_letter_code
;VPVWKDADTTLFCASDAKAYETEVHNVWATHACVPTDPNPQEIHLENVTENFNMWKNNMVEQMHEDIISLWDQSLQPCVK
LTGGSVIKQACPKISFDPIPIHYCTPAGYVILKCNDKNFNGTGPCKNVSSVQCTHGIKPVVSTQLLLNGSLAEEEIIIRS
ENLTNNAKTIIVHLNKSVEINCTRPSNGGSGSGGDIRKAYCEINGTKWNKVLKQVTEKLKEHFNNKTIIFQPPSGGDLEI
TMHTFNCRGEFFYCNTTQLFNNTCIGNETMKGCNGTITLPCKIKQIINMWQGTGQAMYAPPIDGKINCVSNITGILLTRD
GGANNTSNETFRPGGGDMRDNWRSELYKYKVVQIE
;
_entity_poly.pdbx_strand_id   A
#
# COMPACT_ATOMS: atom_id res chain seq x y z
N PRO A 2 -12.39 -9.72 31.38
CA PRO A 2 -11.07 -9.44 30.84
C PRO A 2 -10.45 -10.68 30.25
N VAL A 3 -11.24 -11.47 29.53
CA VAL A 3 -10.75 -12.66 28.83
C VAL A 3 -11.34 -12.61 27.41
N TRP A 4 -10.70 -13.28 26.46
CA TRP A 4 -11.15 -13.21 25.07
C TRP A 4 -10.54 -14.28 24.20
N LYS A 5 -11.00 -14.40 22.97
CA LYS A 5 -10.45 -15.36 22.03
C LYS A 5 -10.48 -14.82 20.60
N ASP A 6 -9.60 -15.34 19.76
CA ASP A 6 -9.53 -14.88 18.40
C ASP A 6 -10.83 -15.17 17.70
N ALA A 7 -11.38 -14.18 17.04
CA ALA A 7 -12.62 -14.33 16.34
C ALA A 7 -12.77 -13.26 15.32
N ASP A 8 -13.69 -13.45 14.38
CA ASP A 8 -13.98 -12.47 13.35
C ASP A 8 -15.42 -12.02 13.44
N THR A 9 -15.66 -10.75 13.18
CA THR A 9 -17.02 -10.24 13.15
C THR A 9 -17.12 -9.18 12.08
N THR A 10 -18.23 -8.46 12.04
CA THR A 10 -18.37 -7.44 11.05
C THR A 10 -18.01 -6.13 11.65
N LEU A 11 -17.07 -5.45 11.04
CA LEU A 11 -16.64 -4.17 11.53
C LEU A 11 -17.36 -3.05 10.85
N PHE A 12 -17.18 -1.85 11.36
CA PHE A 12 -17.73 -0.66 10.77
C PHE A 12 -16.63 0.36 10.63
N CYS A 13 -16.84 1.43 9.88
CA CYS A 13 -15.76 2.39 9.75
C CYS A 13 -16.02 3.76 10.26
N ALA A 14 -14.94 4.46 10.56
CA ALA A 14 -15.03 5.79 11.05
C ALA A 14 -14.04 6.64 10.33
N SER A 15 -14.44 7.84 10.01
CA SER A 15 -13.58 8.79 9.34
C SER A 15 -14.03 10.22 9.56
N ASP A 16 -13.15 11.15 9.25
CA ASP A 16 -13.41 12.55 9.41
C ASP A 16 -13.88 13.19 8.14
N ALA A 17 -14.70 12.46 7.40
CA ALA A 17 -15.20 12.99 6.12
C ALA A 17 -15.90 14.31 6.36
N LYS A 18 -15.60 15.28 5.51
CA LYS A 18 -16.28 16.59 5.59
C LYS A 18 -17.52 16.46 4.72
N ALA A 19 -18.70 16.67 5.30
CA ALA A 19 -19.97 16.43 4.60
C ALA A 19 -20.10 17.31 3.36
N TYR A 20 -19.40 18.43 3.29
CA TYR A 20 -19.60 19.27 2.13
C TYR A 20 -18.81 18.84 0.91
N GLU A 21 -17.61 18.33 1.15
CA GLU A 21 -16.64 17.94 0.15
C GLU A 21 -17.14 16.97 -0.91
N THR A 22 -16.67 17.17 -2.11
CA THR A 22 -17.06 16.38 -3.24
C THR A 22 -16.06 15.31 -3.57
N GLU A 23 -14.92 15.34 -2.93
CA GLU A 23 -13.89 14.38 -3.16
C GLU A 23 -14.46 13.01 -2.87
N VAL A 24 -14.32 12.09 -3.79
CA VAL A 24 -14.91 10.77 -3.64
C VAL A 24 -14.73 9.95 -2.37
N HIS A 25 -13.66 10.13 -1.63
CA HIS A 25 -13.46 9.38 -0.42
C HIS A 25 -14.28 9.99 0.69
N ASN A 26 -14.45 11.29 0.64
CA ASN A 26 -15.21 11.97 1.63
C ASN A 26 -16.65 11.58 1.48
N VAL A 27 -17.09 11.49 0.25
CA VAL A 27 -18.45 11.15 -0.01
C VAL A 27 -18.74 9.73 0.37
N TRP A 28 -17.78 8.84 0.08
CA TRP A 28 -17.93 7.39 0.38
C TRP A 28 -17.94 7.17 1.90
N ALA A 29 -17.22 8.02 2.64
CA ALA A 29 -17.18 7.89 4.07
C ALA A 29 -18.30 8.62 4.77
N THR A 30 -18.95 9.52 4.07
CA THR A 30 -20.01 10.26 4.65
C THR A 30 -21.23 9.40 4.76
N HIS A 31 -21.45 8.55 3.78
CA HIS A 31 -22.61 7.72 3.81
C HIS A 31 -22.34 6.30 4.23
N ALA A 32 -21.09 5.96 4.48
CA ALA A 32 -20.80 4.60 4.84
C ALA A 32 -20.01 4.45 6.09
N CYS A 33 -19.51 5.51 6.63
CA CYS A 33 -18.77 5.40 7.84
C CYS A 33 -19.34 6.32 8.87
N VAL A 34 -18.96 6.13 10.10
CA VAL A 34 -19.44 7.01 11.12
C VAL A 34 -18.37 8.01 11.47
N PRO A 35 -18.70 8.98 12.31
CA PRO A 35 -17.72 9.96 12.74
C PRO A 35 -16.70 9.29 13.60
N THR A 36 -15.47 9.75 13.54
CA THR A 36 -14.43 9.17 14.33
C THR A 36 -14.66 9.41 15.80
N ASP A 37 -14.26 8.44 16.59
CA ASP A 37 -14.38 8.51 18.02
C ASP A 37 -13.68 9.74 18.47
N PRO A 38 -14.40 10.61 19.16
CA PRO A 38 -13.86 11.83 19.70
C PRO A 38 -13.21 11.60 21.05
N ASN A 39 -13.31 10.39 21.57
CA ASN A 39 -12.75 10.07 22.85
C ASN A 39 -12.11 8.72 22.86
N PRO A 40 -11.06 8.55 22.08
CA PRO A 40 -10.44 7.22 22.10
C PRO A 40 -9.56 7.07 23.30
N GLN A 41 -9.29 5.83 23.66
CA GLN A 41 -8.45 5.53 24.78
C GLN A 41 -8.09 4.10 24.65
N GLU A 42 -6.81 3.79 24.59
CA GLU A 42 -6.45 2.40 24.51
C GLU A 42 -6.24 1.87 25.92
N ILE A 43 -6.31 0.57 26.08
CA ILE A 43 -6.15 -0.02 27.37
C ILE A 43 -5.07 -1.06 27.39
N HIS A 44 -3.92 -0.65 27.89
CA HIS A 44 -2.74 -1.47 28.01
C HIS A 44 -3.07 -2.64 28.85
N LEU A 45 -2.75 -3.81 28.36
CA LEU A 45 -3.01 -4.97 29.13
C LEU A 45 -1.63 -5.36 29.65
N GLU A 46 -1.50 -5.51 30.96
CA GLU A 46 -0.21 -5.75 31.57
C GLU A 46 0.38 -7.12 31.46
N ASN A 47 1.58 -7.17 30.94
CA ASN A 47 2.33 -8.38 30.71
C ASN A 47 1.52 -9.51 30.12
N VAL A 48 0.75 -9.16 29.12
CA VAL A 48 -0.06 -10.09 28.40
C VAL A 48 0.59 -10.20 27.07
N THR A 49 0.75 -11.44 26.61
CA THR A 49 1.46 -11.69 25.33
C THR A 49 0.49 -12.35 24.35
N GLU A 50 0.36 -11.74 23.17
CA GLU A 50 -0.53 -12.19 22.14
C GLU A 50 0.21 -12.56 20.88
N ASN A 51 -0.45 -13.30 20.01
CA ASN A 51 0.09 -13.70 18.75
C ASN A 51 -0.71 -13.04 17.66
N PHE A 52 -0.03 -12.56 16.62
CA PHE A 52 -0.68 -11.91 15.50
C PHE A 52 -0.30 -12.58 14.19
N ASN A 53 -1.02 -12.28 13.13
CA ASN A 53 -0.67 -12.82 11.84
C ASN A 53 -1.29 -11.94 10.81
N MET A 54 -0.49 -11.07 10.25
CA MET A 54 -0.93 -10.12 9.25
C MET A 54 -1.22 -10.74 7.90
N TRP A 55 -0.70 -11.91 7.65
CA TRP A 55 -0.94 -12.56 6.40
C TRP A 55 -2.23 -13.34 6.45
N LYS A 56 -2.76 -13.52 7.64
CA LYS A 56 -4.02 -14.21 7.86
C LYS A 56 -4.82 -13.39 8.83
N ASN A 57 -5.32 -12.27 8.35
CA ASN A 57 -6.11 -11.39 9.17
C ASN A 57 -7.32 -10.98 8.39
N ASN A 58 -8.49 -11.12 8.98
CA ASN A 58 -9.71 -10.79 8.31
C ASN A 58 -9.95 -9.33 8.10
N MET A 59 -9.35 -8.52 8.97
CA MET A 59 -9.51 -7.05 8.88
C MET A 59 -9.09 -6.63 7.47
N VAL A 60 -7.99 -7.21 7.00
CA VAL A 60 -7.44 -6.91 5.65
C VAL A 60 -8.50 -7.21 4.60
N GLU A 61 -9.17 -8.35 4.72
CA GLU A 61 -10.23 -8.59 3.73
C GLU A 61 -11.39 -7.67 4.07
N GLN A 62 -11.45 -7.16 5.30
CA GLN A 62 -12.57 -6.28 5.66
C GLN A 62 -12.37 -4.92 4.97
N MET A 63 -11.13 -4.47 4.92
CA MET A 63 -10.82 -3.22 4.31
C MET A 63 -10.85 -3.30 2.81
N HIS A 64 -10.42 -4.42 2.26
CA HIS A 64 -10.37 -4.62 0.83
C HIS A 64 -11.72 -4.41 0.22
N GLU A 65 -12.70 -5.08 0.77
CA GLU A 65 -14.05 -5.00 0.29
C GLU A 65 -14.60 -3.58 0.27
N ASP A 66 -14.18 -2.74 1.20
CA ASP A 66 -14.65 -1.37 1.24
C ASP A 66 -14.07 -0.58 0.09
N ILE A 67 -12.76 -0.62 -0.04
CA ILE A 67 -12.05 0.12 -1.06
C ILE A 67 -12.51 -0.31 -2.42
N ILE A 68 -12.96 -1.54 -2.53
CA ILE A 68 -13.45 -1.99 -3.79
C ILE A 68 -14.80 -1.40 -4.01
N SER A 69 -15.56 -1.25 -2.95
CA SER A 69 -16.86 -0.66 -3.05
C SER A 69 -16.69 0.80 -3.28
N LEU A 70 -15.74 1.39 -2.60
CA LEU A 70 -15.46 2.80 -2.71
C LEU A 70 -15.09 3.16 -4.13
N TRP A 71 -14.20 2.38 -4.71
CA TRP A 71 -13.76 2.65 -6.09
C TRP A 71 -14.92 2.42 -7.07
N ASP A 72 -15.78 1.46 -6.80
CA ASP A 72 -16.88 1.16 -7.68
C ASP A 72 -17.91 2.24 -7.78
N GLN A 73 -18.10 2.99 -6.72
CA GLN A 73 -19.08 4.03 -6.76
C GLN A 73 -18.51 5.38 -7.03
N SER A 74 -17.22 5.47 -7.28
CA SER A 74 -16.60 6.76 -7.46
C SER A 74 -15.89 6.96 -8.76
N LEU A 75 -14.72 6.30 -8.75
CA LEU A 75 -13.73 6.17 -9.85
C LEU A 75 -14.34 5.07 -10.69
N GLN A 76 -14.94 5.50 -11.76
CA GLN A 76 -15.91 4.65 -12.49
C GLN A 76 -15.66 4.67 -14.01
N PRO A 77 -15.32 3.61 -14.76
CA PRO A 77 -14.90 3.86 -16.15
C PRO A 77 -15.86 4.14 -17.33
N CYS A 78 -15.45 4.84 -18.40
CA CYS A 78 -16.39 4.99 -19.48
C CYS A 78 -16.81 3.66 -20.01
N VAL A 79 -15.91 2.71 -20.09
CA VAL A 79 -16.23 1.37 -20.61
C VAL A 79 -15.52 0.37 -19.74
N LYS A 80 -16.21 -0.68 -19.34
CA LYS A 80 -15.61 -1.68 -18.52
C LYS A 80 -15.69 -3.00 -19.23
N LEU A 81 -14.56 -3.66 -19.41
CA LEU A 81 -14.56 -4.93 -20.09
C LEU A 81 -14.32 -5.98 -19.04
N THR A 82 -15.29 -6.86 -18.85
CA THR A 82 -15.19 -7.87 -17.81
C THR A 82 -15.50 -9.30 -18.25
N GLY A 83 -14.54 -9.97 -18.89
CA GLY A 83 -14.74 -11.35 -19.31
C GLY A 83 -15.85 -11.52 -20.32
N GLY A 84 -15.92 -10.63 -21.31
CA GLY A 84 -16.92 -10.72 -22.35
C GLY A 84 -18.18 -9.92 -22.04
N SER A 85 -18.01 -8.65 -21.73
CA SER A 85 -19.13 -7.77 -21.45
C SER A 85 -18.66 -6.36 -21.70
N VAL A 86 -19.57 -5.46 -22.04
CA VAL A 86 -19.15 -4.11 -22.32
C VAL A 86 -20.15 -3.16 -21.75
N ILE A 87 -20.11 -2.97 -20.45
CA ILE A 87 -21.03 -2.04 -19.88
C ILE A 87 -20.47 -0.66 -20.08
N LYS A 88 -21.24 0.19 -20.72
CA LYS A 88 -20.85 1.56 -20.96
C LYS A 88 -21.42 2.40 -19.84
N GLN A 89 -20.83 3.56 -19.65
CA GLN A 89 -21.33 4.36 -18.53
C GLN A 89 -20.92 5.80 -18.72
N ALA A 90 -21.25 6.56 -17.72
CA ALA A 90 -20.87 7.94 -17.64
C ALA A 90 -19.51 7.92 -16.99
N CYS A 91 -18.65 8.85 -17.37
CA CYS A 91 -17.33 8.89 -16.81
C CYS A 91 -16.86 10.31 -16.76
N PRO A 92 -17.30 11.05 -15.76
CA PRO A 92 -16.97 12.44 -15.51
C PRO A 92 -15.75 12.51 -14.66
N LYS A 93 -14.94 13.52 -14.87
CA LYS A 93 -13.75 13.64 -14.07
C LYS A 93 -14.15 13.93 -12.66
N ILE A 94 -13.52 13.29 -11.70
CA ILE A 94 -13.88 13.50 -10.32
C ILE A 94 -12.71 14.00 -9.51
N SER A 95 -12.99 14.30 -8.25
CA SER A 95 -12.02 14.77 -7.30
C SER A 95 -11.64 13.53 -6.53
N PHE A 96 -10.34 13.27 -6.37
CA PHE A 96 -9.83 12.07 -5.74
C PHE A 96 -8.61 12.31 -4.90
N ASP A 97 -8.72 12.04 -3.62
CA ASP A 97 -7.62 12.19 -2.69
C ASP A 97 -7.96 11.44 -1.43
N PRO A 98 -7.44 10.24 -1.29
CA PRO A 98 -7.74 9.37 -0.16
C PRO A 98 -7.53 9.94 1.20
N ILE A 99 -8.48 9.72 2.08
CA ILE A 99 -8.38 10.16 3.47
C ILE A 99 -8.20 8.98 4.37
N PRO A 100 -7.95 9.20 5.64
CA PRO A 100 -7.78 8.06 6.51
C PRO A 100 -9.11 7.54 6.95
N ILE A 101 -9.18 6.24 7.13
CA ILE A 101 -10.38 5.56 7.54
C ILE A 101 -10.01 4.68 8.71
N HIS A 102 -10.86 4.56 9.70
CA HIS A 102 -10.55 3.70 10.80
C HIS A 102 -11.43 2.48 10.79
N TYR A 103 -10.93 1.43 11.41
CA TYR A 103 -11.69 0.17 11.51
C TYR A 103 -11.99 -0.10 12.98
N CYS A 104 -13.26 -0.16 13.32
CA CYS A 104 -13.69 -0.36 14.68
C CYS A 104 -14.51 -1.60 14.86
N THR A 105 -14.45 -2.14 16.06
CA THR A 105 -15.19 -3.33 16.36
C THR A 105 -16.53 -2.98 16.95
N PRO A 106 -17.49 -3.87 16.78
CA PRO A 106 -18.81 -3.71 17.35
C PRO A 106 -18.78 -4.17 18.80
N ALA A 107 -19.82 -3.83 19.54
CA ALA A 107 -19.92 -4.23 20.93
C ALA A 107 -19.77 -5.72 21.11
N GLY A 108 -18.89 -6.10 22.02
CA GLY A 108 -18.63 -7.48 22.28
C GLY A 108 -17.28 -7.91 21.80
N TYR A 109 -16.61 -7.04 21.07
CA TYR A 109 -15.29 -7.35 20.57
C TYR A 109 -14.39 -6.16 20.74
N VAL A 110 -13.10 -6.38 20.51
CA VAL A 110 -12.12 -5.32 20.54
C VAL A 110 -11.02 -5.67 19.56
N ILE A 111 -10.14 -4.72 19.32
CA ILE A 111 -9.03 -4.93 18.43
C ILE A 111 -7.79 -4.91 19.28
N LEU A 112 -6.90 -5.85 19.08
CA LEU A 112 -5.68 -5.85 19.85
C LEU A 112 -4.59 -5.22 19.02
N LYS A 113 -3.85 -4.33 19.62
CA LYS A 113 -2.83 -3.61 18.91
C LYS A 113 -1.45 -3.82 19.42
N CYS A 114 -0.62 -4.49 18.65
CA CYS A 114 0.74 -4.76 19.05
C CYS A 114 1.54 -3.50 19.03
N ASN A 115 2.34 -3.28 20.05
CA ASN A 115 3.13 -2.08 20.11
C ASN A 115 4.59 -2.35 20.21
N ASP A 116 5.01 -3.52 19.79
CA ASP A 116 6.42 -3.79 19.80
C ASP A 116 6.94 -3.04 18.58
N LYS A 117 7.74 -2.03 18.81
CA LYS A 117 8.22 -1.22 17.72
C LYS A 117 9.03 -1.97 16.71
N ASN A 118 9.26 -3.24 16.91
CA ASN A 118 10.01 -3.99 15.94
C ASN A 118 9.21 -5.17 15.46
N PHE A 119 7.90 -5.10 15.64
CA PHE A 119 7.03 -6.18 15.26
C PHE A 119 7.10 -6.38 13.79
N ASN A 120 7.23 -7.63 13.40
CA ASN A 120 7.33 -7.95 12.01
C ASN A 120 6.08 -8.42 11.38
N GLY A 121 5.03 -8.55 12.17
CA GLY A 121 3.75 -8.96 11.64
C GLY A 121 3.30 -10.36 11.85
N THR A 122 4.16 -11.19 12.40
CA THR A 122 3.78 -12.56 12.61
C THR A 122 4.28 -13.05 13.93
N GLY A 123 3.49 -13.89 14.56
CA GLY A 123 3.89 -14.43 15.83
C GLY A 123 3.56 -13.62 17.04
N PRO A 124 4.44 -13.64 18.02
CA PRO A 124 4.35 -13.01 19.31
C PRO A 124 4.62 -11.55 19.41
N CYS A 125 3.93 -10.93 20.34
CA CYS A 125 4.09 -9.52 20.60
C CYS A 125 3.98 -9.36 22.09
N LYS A 126 4.82 -8.53 22.70
CA LYS A 126 4.80 -8.41 24.16
C LYS A 126 4.04 -7.23 24.76
N ASN A 127 4.23 -6.04 24.22
CA ASN A 127 3.55 -4.85 24.69
C ASN A 127 2.30 -4.80 23.86
N VAL A 128 1.20 -5.25 24.42
CA VAL A 128 -0.07 -5.39 23.73
C VAL A 128 -1.06 -4.37 24.28
N SER A 129 -1.74 -3.66 23.40
CA SER A 129 -2.75 -2.69 23.79
C SER A 129 -4.09 -3.13 23.27
N SER A 130 -5.16 -2.50 23.70
CA SER A 130 -6.47 -2.86 23.20
C SER A 130 -7.17 -1.62 22.73
N VAL A 131 -7.72 -1.67 21.53
CA VAL A 131 -8.40 -0.49 21.05
C VAL A 131 -9.75 -0.81 20.50
N GLN A 132 -10.58 0.22 20.41
CA GLN A 132 -11.91 0.06 19.89
C GLN A 132 -11.92 0.27 18.40
N CYS A 133 -11.04 1.13 17.91
CA CYS A 133 -10.93 1.44 16.52
C CYS A 133 -9.48 1.58 16.22
N THR A 134 -9.13 1.35 14.97
CA THR A 134 -7.77 1.52 14.55
C THR A 134 -7.47 2.97 14.27
N HIS A 135 -6.24 3.26 13.91
CA HIS A 135 -5.88 4.61 13.56
C HIS A 135 -6.32 4.98 12.12
N GLY A 136 -6.07 6.20 11.70
CA GLY A 136 -6.47 6.56 10.36
C GLY A 136 -5.60 6.01 9.26
N ILE A 137 -6.16 5.16 8.42
CA ILE A 137 -5.43 4.56 7.34
C ILE A 137 -5.89 5.01 5.98
N LYS A 138 -5.01 5.62 5.21
CA LYS A 138 -5.36 6.04 3.86
C LYS A 138 -5.31 4.81 3.00
N PRO A 139 -6.33 4.57 2.21
CA PRO A 139 -6.34 3.40 1.36
C PRO A 139 -5.72 3.72 0.03
N VAL A 140 -4.41 3.83 0.01
CA VAL A 140 -3.69 4.18 -1.19
C VAL A 140 -3.44 3.01 -2.08
N VAL A 141 -3.98 3.07 -3.28
CA VAL A 141 -3.82 2.00 -4.22
C VAL A 141 -2.58 2.17 -5.07
N SER A 142 -1.67 1.21 -4.97
CA SER A 142 -0.44 1.24 -5.74
C SER A 142 0.25 -0.10 -5.86
N THR A 143 1.12 -0.18 -6.85
CA THR A 143 1.98 -1.30 -7.05
C THR A 143 3.39 -0.80 -6.85
N GLN A 144 4.32 -1.72 -6.66
CA GLN A 144 5.75 -1.45 -6.44
C GLN A 144 6.09 -0.64 -5.21
N LEU A 145 5.55 0.56 -5.10
CA LEU A 145 5.83 1.39 -3.94
C LEU A 145 4.58 1.66 -3.12
N LEU A 146 4.75 1.70 -1.80
CA LEU A 146 3.65 1.98 -0.91
C LEU A 146 3.84 3.39 -0.53
N LEU A 147 2.83 4.20 -0.81
CA LEU A 147 2.91 5.62 -0.55
C LEU A 147 1.97 6.11 0.50
N ASN A 148 2.34 7.23 1.11
CA ASN A 148 1.59 7.91 2.11
C ASN A 148 1.18 7.11 3.34
N GLY A 149 1.97 6.13 3.71
CA GLY A 149 1.66 5.32 4.86
C GLY A 149 2.46 5.65 6.09
N SER A 150 2.41 4.79 7.06
CA SER A 150 3.17 4.98 8.26
C SER A 150 4.56 4.47 8.06
N LEU A 151 5.45 4.82 8.96
CA LEU A 151 6.81 4.36 8.86
C LEU A 151 7.12 3.48 10.01
N ALA A 152 8.15 2.67 9.86
CA ALA A 152 8.54 1.81 10.93
C ALA A 152 9.19 2.69 11.95
N GLU A 153 8.94 2.42 13.22
CA GLU A 153 9.43 3.27 14.29
C GLU A 153 10.90 3.19 14.58
N GLU A 154 11.56 2.11 14.20
CA GLU A 154 12.96 2.04 14.47
C GLU A 154 13.77 1.53 13.31
N GLU A 155 13.91 0.22 13.24
CA GLU A 155 14.67 -0.38 12.17
C GLU A 155 13.75 -0.69 11.04
N ILE A 156 14.31 -0.84 9.86
CA ILE A 156 13.52 -1.18 8.72
C ILE A 156 13.08 -2.61 8.93
N ILE A 157 11.80 -2.87 8.74
CA ILE A 157 11.28 -4.19 8.97
C ILE A 157 10.97 -4.95 7.71
N ILE A 158 11.25 -6.23 7.73
CA ILE A 158 10.97 -7.08 6.60
C ILE A 158 9.77 -7.92 6.96
N ARG A 159 8.71 -7.82 6.19
CA ARG A 159 7.51 -8.56 6.50
C ARG A 159 7.20 -9.58 5.45
N SER A 160 6.92 -10.81 5.86
CA SER A 160 6.63 -11.89 4.94
C SER A 160 5.95 -13.03 5.63
N GLU A 161 5.21 -13.83 4.88
CA GLU A 161 4.51 -15.01 5.44
C GLU A 161 5.54 -16.13 5.59
N ASN A 162 6.52 -16.15 4.70
CA ASN A 162 7.55 -17.16 4.71
C ASN A 162 8.67 -16.70 3.83
N LEU A 163 9.66 -16.08 4.44
CA LEU A 163 10.81 -15.56 3.73
C LEU A 163 11.46 -16.61 2.86
N THR A 164 11.36 -17.85 3.32
CA THR A 164 11.95 -18.96 2.63
C THR A 164 11.20 -19.40 1.39
N ASN A 165 9.93 -19.02 1.33
CA ASN A 165 9.10 -19.34 0.21
C ASN A 165 9.20 -18.12 -0.64
N ASN A 166 9.72 -18.29 -1.85
CA ASN A 166 9.92 -17.19 -2.75
C ASN A 166 8.64 -16.62 -3.37
N ALA A 167 7.57 -17.39 -3.32
CA ALA A 167 6.28 -17.01 -3.84
C ALA A 167 5.53 -16.03 -2.96
N LYS A 168 5.87 -15.99 -1.69
CA LYS A 168 5.21 -15.10 -0.77
C LYS A 168 5.88 -13.75 -0.77
N THR A 169 5.06 -12.72 -0.91
CA THR A 169 5.48 -11.33 -1.00
C THR A 169 6.19 -10.78 0.20
N ILE A 170 7.12 -9.89 -0.04
CA ILE A 170 7.88 -9.27 1.02
C ILE A 170 7.52 -7.83 1.07
N ILE A 171 7.21 -7.32 2.24
CA ILE A 171 6.88 -5.94 2.39
C ILE A 171 7.98 -5.33 3.21
N VAL A 172 8.62 -4.32 2.66
CA VAL A 172 9.68 -3.64 3.37
C VAL A 172 9.04 -2.45 4.02
N HIS A 173 9.34 -2.25 5.30
CA HIS A 173 8.78 -1.14 6.03
C HIS A 173 9.85 -0.14 6.33
N LEU A 174 9.95 0.87 5.50
CA LEU A 174 10.96 1.89 5.64
C LEU A 174 10.82 2.67 6.91
N ASN A 175 11.93 3.10 7.47
CA ASN A 175 11.92 3.89 8.69
C ASN A 175 12.10 5.35 8.39
N LYS A 176 12.38 5.67 7.16
CA LYS A 176 12.51 7.04 6.73
C LYS A 176 11.86 7.08 5.39
N SER A 177 11.06 8.10 5.16
CA SER A 177 10.35 8.20 3.91
C SER A 177 11.16 8.87 2.83
N VAL A 178 10.82 8.55 1.60
CA VAL A 178 11.50 9.15 0.49
C VAL A 178 10.50 9.87 -0.37
N GLU A 179 10.52 11.18 -0.35
CA GLU A 179 9.59 11.96 -1.14
C GLU A 179 9.68 11.63 -2.63
N ILE A 180 8.53 11.54 -3.29
CA ILE A 180 8.45 11.30 -4.71
C ILE A 180 7.41 12.22 -5.26
N ASN A 181 7.85 13.08 -6.17
CA ASN A 181 7.08 14.13 -6.80
C ASN A 181 6.81 13.79 -8.22
N CYS A 182 5.54 13.66 -8.57
CA CYS A 182 5.15 13.31 -9.91
C CYS A 182 4.27 14.34 -10.57
N THR A 183 4.68 14.81 -11.73
CA THR A 183 3.95 15.84 -12.40
C THR A 183 3.68 15.50 -13.84
N ARG A 184 2.51 15.91 -14.28
CA ARG A 184 2.14 15.82 -15.70
C ARG A 184 1.96 17.28 -16.05
N PRO A 185 2.91 17.92 -16.72
CA PRO A 185 2.81 19.34 -17.00
C PRO A 185 1.67 19.79 -17.90
N SER A 186 1.28 21.04 -17.71
CA SER A 186 0.21 21.66 -18.45
C SER A 186 0.48 21.77 -19.92
N ASN A 187 -0.58 21.69 -20.71
CA ASN A 187 -0.49 21.76 -22.15
C ASN A 187 -0.55 23.18 -22.62
N ASP A 195 2.49 15.59 -26.10
CA ASP A 195 1.91 14.45 -25.40
C ASP A 195 1.31 14.82 -24.06
N ILE A 196 0.02 14.65 -23.92
CA ILE A 196 -0.65 14.97 -22.68
C ILE A 196 -0.60 13.85 -21.72
N ARG A 197 -0.20 12.69 -22.18
CA ARG A 197 -0.11 11.55 -21.33
C ARG A 197 1.27 11.39 -20.77
N LYS A 198 2.20 12.21 -21.20
CA LYS A 198 3.56 12.15 -20.73
C LYS A 198 3.69 12.81 -19.39
N ALA A 199 4.39 12.14 -18.50
CA ALA A 199 4.64 12.66 -17.17
C ALA A 199 5.86 12.03 -16.59
N TYR A 200 6.22 12.46 -15.41
CA TYR A 200 7.40 11.97 -14.76
C TYR A 200 7.42 12.18 -13.27
N CYS A 201 8.26 11.43 -12.59
CA CYS A 201 8.42 11.55 -11.15
C CYS A 201 9.88 11.90 -10.85
N GLU A 202 10.07 12.80 -9.90
CA GLU A 202 11.40 13.21 -9.46
C GLU A 202 11.67 12.66 -8.06
N ILE A 203 12.84 12.09 -7.83
CA ILE A 203 13.23 11.53 -6.54
C ILE A 203 14.70 11.85 -6.24
N ASN A 204 15.02 12.15 -4.99
CA ASN A 204 16.38 12.41 -4.57
C ASN A 204 17.22 11.20 -4.80
N GLY A 205 18.21 11.28 -5.64
CA GLY A 205 19.01 10.10 -5.88
C GLY A 205 19.73 9.65 -4.66
N THR A 206 20.28 10.62 -3.94
CA THR A 206 21.06 10.35 -2.71
C THR A 206 20.19 9.69 -1.66
N LYS A 207 19.06 10.30 -1.35
CA LYS A 207 18.16 9.77 -0.35
C LYS A 207 17.68 8.38 -0.70
N TRP A 208 17.19 8.22 -1.91
CA TRP A 208 16.69 6.94 -2.30
C TRP A 208 17.77 5.89 -2.27
N ASN A 209 18.96 6.25 -2.72
CA ASN A 209 20.04 5.30 -2.76
C ASN A 209 20.52 4.90 -1.40
N LYS A 210 20.49 5.82 -0.45
CA LYS A 210 20.91 5.50 0.89
C LYS A 210 19.90 4.60 1.52
N VAL A 211 18.64 4.80 1.19
CA VAL A 211 17.59 4.02 1.79
C VAL A 211 17.64 2.60 1.26
N LEU A 212 17.92 2.48 -0.03
CA LEU A 212 18.02 1.18 -0.66
C LEU A 212 19.24 0.44 -0.18
N LYS A 213 20.26 1.20 0.17
CA LYS A 213 21.51 0.60 0.70
C LYS A 213 21.11 -0.08 2.00
N GLN A 214 20.48 0.71 2.86
CA GLN A 214 20.02 0.26 4.14
C GLN A 214 19.13 -0.92 4.01
N VAL A 215 18.25 -0.92 3.02
CA VAL A 215 17.34 -2.02 2.83
C VAL A 215 18.13 -3.25 2.49
N THR A 216 19.15 -3.06 1.65
CA THR A 216 20.00 -4.20 1.23
C THR A 216 20.58 -4.86 2.47
N GLU A 217 21.03 -4.08 3.44
CA GLU A 217 21.61 -4.64 4.61
C GLU A 217 20.61 -5.38 5.43
N LYS A 218 19.36 -4.92 5.43
CA LYS A 218 18.36 -5.58 6.22
C LYS A 218 18.12 -6.94 5.66
N LEU A 219 17.97 -7.00 4.35
CA LEU A 219 17.75 -8.26 3.70
C LEU A 219 18.96 -9.14 3.90
N LYS A 220 20.11 -8.53 4.11
CA LYS A 220 21.34 -9.28 4.31
C LYS A 220 21.25 -10.09 5.57
N GLU A 221 20.70 -9.50 6.61
CA GLU A 221 20.53 -10.16 7.88
C GLU A 221 19.57 -11.33 7.82
N HIS A 222 18.58 -11.26 6.95
CA HIS A 222 17.60 -12.28 6.78
C HIS A 222 18.03 -13.35 5.82
N PHE A 223 19.04 -13.09 5.01
CA PHE A 223 19.46 -14.09 4.05
C PHE A 223 20.93 -14.48 4.13
N ASN A 224 21.42 -14.68 5.34
CA ASN A 224 22.80 -15.07 5.58
C ASN A 224 23.88 -14.35 4.80
N ASN A 225 23.83 -13.03 4.90
CA ASN A 225 24.83 -12.12 4.28
C ASN A 225 25.05 -12.50 2.83
N LYS A 226 24.08 -13.20 2.23
CA LYS A 226 24.13 -13.64 0.81
C LYS A 226 24.02 -12.40 -0.07
N THR A 227 24.75 -12.34 -1.19
CA THR A 227 24.70 -11.11 -2.01
C THR A 227 23.26 -10.75 -2.39
N ILE A 228 22.89 -9.50 -2.16
CA ILE A 228 21.56 -9.01 -2.47
C ILE A 228 21.52 -8.28 -3.79
N ILE A 229 20.60 -8.65 -4.66
CA ILE A 229 20.53 -8.01 -5.95
C ILE A 229 19.13 -7.52 -6.32
N PHE A 230 19.01 -6.26 -6.70
CA PHE A 230 17.74 -5.72 -7.13
C PHE A 230 17.69 -5.62 -8.62
N GLN A 231 16.56 -5.96 -9.18
CA GLN A 231 16.32 -5.90 -10.60
C GLN A 231 14.87 -5.56 -10.84
N PRO A 232 14.54 -5.15 -12.05
CA PRO A 232 13.15 -4.87 -12.30
C PRO A 232 12.42 -6.14 -12.63
N PRO A 233 11.11 -6.08 -12.65
CA PRO A 233 10.31 -7.26 -12.93
C PRO A 233 10.62 -7.97 -14.23
N SER A 234 10.47 -9.28 -14.19
CA SER A 234 10.71 -10.14 -15.32
C SER A 234 9.36 -10.62 -15.76
N GLY A 235 8.75 -9.89 -16.68
CA GLY A 235 7.41 -10.23 -17.13
C GLY A 235 6.34 -9.53 -16.31
N GLY A 236 5.26 -9.16 -16.97
CA GLY A 236 4.21 -8.41 -16.32
C GLY A 236 3.42 -7.64 -17.36
N ASP A 237 2.39 -6.97 -16.88
CA ASP A 237 1.34 -6.42 -17.73
C ASP A 237 1.31 -4.89 -17.76
N LEU A 238 2.27 -4.28 -17.08
CA LEU A 238 2.40 -2.81 -17.02
C LEU A 238 2.00 -2.32 -15.64
N GLU A 239 0.97 -2.92 -15.05
CA GLU A 239 0.56 -2.49 -13.73
C GLU A 239 1.59 -2.99 -12.74
N ILE A 240 2.20 -4.09 -13.11
CA ILE A 240 3.19 -4.72 -12.31
C ILE A 240 4.57 -4.34 -12.73
N THR A 241 4.82 -4.17 -14.01
CA THR A 241 6.14 -3.82 -14.47
C THR A 241 6.50 -2.37 -14.15
N MET A 242 5.51 -1.52 -13.99
CA MET A 242 5.76 -0.16 -13.68
C MET A 242 5.16 0.18 -12.34
N HIS A 243 5.53 1.30 -11.79
CA HIS A 243 5.00 1.71 -10.54
C HIS A 243 3.71 2.41 -10.86
N THR A 244 2.60 1.82 -10.46
CA THR A 244 1.29 2.36 -10.77
C THR A 244 0.52 2.94 -9.60
N PHE A 245 -0.04 4.12 -9.80
CA PHE A 245 -0.81 4.77 -8.76
C PHE A 245 -1.84 5.69 -9.36
N ASN A 246 -2.65 6.32 -8.53
CA ASN A 246 -3.65 7.23 -9.04
C ASN A 246 -3.41 8.59 -8.45
N CYS A 247 -3.29 9.59 -9.30
CA CYS A 247 -3.03 10.95 -8.86
C CYS A 247 -4.13 11.84 -9.42
N ARG A 248 -4.90 12.44 -8.53
CA ARG A 248 -6.01 13.32 -8.85
C ARG A 248 -6.94 12.73 -9.83
N GLY A 249 -7.09 11.43 -9.73
CA GLY A 249 -7.97 10.73 -10.60
C GLY A 249 -7.29 9.98 -11.70
N GLU A 250 -6.13 10.43 -12.09
CA GLU A 250 -5.42 9.76 -13.15
C GLU A 250 -4.45 8.69 -12.72
N PHE A 251 -4.45 7.66 -13.53
CA PHE A 251 -3.62 6.51 -13.36
C PHE A 251 -2.26 6.73 -13.96
N PHE A 252 -1.26 6.75 -13.12
CA PHE A 252 0.08 6.98 -13.54
C PHE A 252 0.90 5.71 -13.59
N TYR A 253 1.63 5.53 -14.67
CA TYR A 253 2.49 4.39 -14.85
C TYR A 253 3.92 4.85 -15.03
N CYS A 254 4.74 4.69 -14.00
CA CYS A 254 6.11 5.12 -14.03
C CYS A 254 7.14 4.01 -14.03
N ASN A 255 8.18 4.21 -14.83
CA ASN A 255 9.26 3.26 -14.98
C ASN A 255 10.28 3.44 -13.88
N THR A 256 10.39 2.41 -13.03
CA THR A 256 11.30 2.47 -11.87
C THR A 256 12.63 1.78 -12.18
N THR A 257 12.97 1.61 -13.46
CA THR A 257 14.23 0.98 -13.79
C THR A 257 15.33 1.75 -13.11
N GLN A 258 15.32 3.06 -13.12
CA GLN A 258 16.33 3.82 -12.42
C GLN A 258 16.43 3.72 -10.89
N LEU A 259 15.60 2.97 -10.18
CA LEU A 259 15.71 2.79 -8.77
C LEU A 259 16.23 1.40 -8.48
N PHE A 260 15.85 0.44 -9.29
CA PHE A 260 16.24 -0.94 -9.07
C PHE A 260 17.22 -1.47 -10.07
N ASN A 261 17.89 -0.59 -10.78
CA ASN A 261 18.75 -1.08 -11.82
C ASN A 261 20.02 -0.41 -12.04
N ASN A 262 20.22 0.73 -11.44
CA ASN A 262 21.50 1.33 -11.60
C ASN A 262 22.43 0.80 -10.54
N THR A 263 21.82 0.13 -9.57
CA THR A 263 22.47 -0.40 -8.39
C THR A 263 23.07 0.84 -7.74
N CYS A 264 24.25 1.27 -8.19
CA CYS A 264 24.86 2.51 -7.78
C CYS A 264 25.00 2.59 -6.28
N ILE A 265 25.50 1.50 -5.72
CA ILE A 265 25.74 1.35 -4.31
C ILE A 265 26.95 0.43 -4.15
N GLY A 272 29.51 8.86 -9.00
CA GLY A 272 29.03 10.05 -9.67
C GLY A 272 27.53 10.11 -9.80
N CYS A 273 26.84 9.06 -9.34
CA CYS A 273 25.38 8.97 -9.37
C CYS A 273 24.83 9.41 -8.01
N ASN A 274 24.24 10.58 -7.98
CA ASN A 274 23.75 11.12 -6.74
C ASN A 274 22.84 12.28 -7.00
N GLY A 275 22.37 12.45 -8.22
CA GLY A 275 21.52 13.57 -8.48
C GLY A 275 20.07 13.28 -8.29
N THR A 276 19.26 13.97 -9.10
CA THR A 276 17.78 13.88 -9.06
C THR A 276 17.28 12.87 -10.09
N ILE A 277 16.83 11.71 -9.64
CA ILE A 277 16.30 10.71 -10.52
C ILE A 277 15.01 11.17 -11.12
N THR A 278 14.87 10.96 -12.41
CA THR A 278 13.69 11.34 -13.14
C THR A 278 13.12 10.15 -13.88
N LEU A 279 11.98 9.68 -13.42
CA LEU A 279 11.34 8.54 -14.01
C LEU A 279 10.34 8.96 -15.05
N PRO A 280 10.34 8.31 -16.18
CA PRO A 280 9.36 8.69 -17.17
C PRO A 280 8.06 7.98 -16.87
N CYS A 281 6.94 8.66 -17.02
CA CYS A 281 5.66 8.03 -16.77
C CYS A 281 4.71 8.33 -17.88
N LYS A 282 3.61 7.61 -17.89
CA LYS A 282 2.55 7.79 -18.86
C LYS A 282 1.24 7.63 -18.13
N ILE A 283 0.26 8.43 -18.49
CA ILE A 283 -1.02 8.35 -17.88
C ILE A 283 -1.85 7.48 -18.78
N LYS A 284 -2.32 6.36 -18.26
CA LYS A 284 -3.10 5.48 -19.16
C LYS A 284 -4.58 5.52 -18.88
N GLN A 285 -5.38 5.99 -19.82
CA GLN A 285 -6.80 5.67 -19.77
C GLN A 285 -7.21 4.16 -19.65
N ILE A 286 -6.54 3.23 -20.31
CA ILE A 286 -6.96 1.82 -20.21
C ILE A 286 -6.18 0.98 -19.24
N ILE A 287 -6.86 0.51 -18.21
CA ILE A 287 -6.20 -0.17 -17.07
C ILE A 287 -6.66 -1.62 -16.93
N ASN A 288 -5.80 -2.44 -16.35
CA ASN A 288 -6.17 -3.77 -15.98
C ASN A 288 -6.46 -3.56 -14.51
N MET A 289 -7.72 -3.76 -14.14
CA MET A 289 -8.20 -3.50 -12.79
C MET A 289 -7.60 -4.29 -11.67
N TRP A 290 -7.60 -3.70 -10.49
CA TRP A 290 -7.07 -4.39 -9.30
C TRP A 290 -8.20 -5.05 -8.53
N GLN A 291 -9.41 -4.49 -8.61
CA GLN A 291 -10.52 -5.03 -7.85
C GLN A 291 -10.85 -6.42 -8.27
N GLY A 292 -10.88 -6.64 -9.57
CA GLY A 292 -11.17 -7.93 -10.15
C GLY A 292 -10.66 -7.97 -11.56
N THR A 293 -10.54 -9.15 -12.15
CA THR A 293 -10.05 -9.20 -13.50
C THR A 293 -10.97 -8.48 -14.46
N GLY A 294 -10.38 -7.73 -15.37
CA GLY A 294 -11.13 -6.97 -16.34
C GLY A 294 -10.40 -5.70 -16.65
N GLN A 295 -10.79 -5.04 -17.72
CA GLN A 295 -10.17 -3.82 -18.13
C GLN A 295 -11.17 -2.72 -18.01
N ALA A 296 -10.71 -1.55 -17.66
CA ALA A 296 -11.56 -0.41 -17.54
C ALA A 296 -10.97 0.72 -18.34
N MET A 297 -11.76 1.39 -19.12
CA MET A 297 -11.22 2.47 -19.90
C MET A 297 -11.72 3.83 -19.50
N TYR A 298 -10.84 4.73 -19.13
CA TYR A 298 -11.22 6.06 -18.74
C TYR A 298 -10.99 7.01 -19.86
N ALA A 299 -11.38 8.24 -19.67
CA ALA A 299 -11.21 9.24 -20.69
C ALA A 299 -9.87 9.87 -20.58
N PRO A 300 -9.52 10.74 -21.50
CA PRO A 300 -8.22 11.39 -21.39
C PRO A 300 -8.08 12.31 -20.22
N PRO A 301 -6.86 12.65 -19.89
CA PRO A 301 -6.61 13.49 -18.73
C PRO A 301 -7.20 14.86 -18.76
N ILE A 302 -7.26 15.41 -17.56
CA ILE A 302 -7.76 16.73 -17.34
C ILE A 302 -6.69 17.71 -17.69
N ASP A 303 -7.09 18.95 -17.90
CA ASP A 303 -6.15 19.98 -18.25
C ASP A 303 -5.42 20.51 -17.04
N GLY A 304 -4.32 21.21 -17.27
CA GLY A 304 -3.55 21.81 -16.21
C GLY A 304 -2.55 20.93 -15.53
N LYS A 305 -1.54 21.46 -14.88
CA LYS A 305 -0.57 20.61 -14.23
C LYS A 305 -1.16 19.70 -13.16
N ILE A 306 -0.94 18.41 -13.29
CA ILE A 306 -1.39 17.40 -12.37
C ILE A 306 -0.19 16.97 -11.57
N ASN A 307 -0.21 17.21 -10.27
CA ASN A 307 0.94 16.92 -9.45
C ASN A 307 0.60 16.25 -8.15
N CYS A 308 1.37 15.26 -7.78
CA CYS A 308 1.19 14.62 -6.53
C CYS A 308 2.52 14.31 -5.91
N VAL A 309 2.82 14.92 -4.77
CA VAL A 309 4.05 14.60 -4.09
C VAL A 309 3.67 13.62 -3.00
N SER A 310 4.33 12.49 -2.93
CA SER A 310 3.96 11.54 -1.93
C SER A 310 5.15 11.00 -1.25
N ASN A 311 4.94 10.37 -0.10
CA ASN A 311 6.03 9.79 0.61
C ASN A 311 6.06 8.37 0.21
N ILE A 312 7.24 7.84 -0.04
CA ILE A 312 7.36 6.44 -0.32
C ILE A 312 7.60 5.90 1.06
N THR A 313 6.82 4.93 1.49
CA THR A 313 7.01 4.43 2.82
C THR A 313 7.24 2.97 2.89
N GLY A 314 7.11 2.27 1.79
CA GLY A 314 7.35 0.86 1.80
C GLY A 314 7.54 0.35 0.41
N ILE A 315 8.13 -0.82 0.28
CA ILE A 315 8.37 -1.40 -1.02
C ILE A 315 7.85 -2.82 -1.06
N LEU A 316 7.24 -3.21 -2.16
CA LEU A 316 6.73 -4.55 -2.32
C LEU A 316 7.69 -5.31 -3.15
N LEU A 317 8.29 -6.34 -2.59
CA LEU A 317 9.29 -7.11 -3.30
C LEU A 317 9.01 -8.58 -3.51
N THR A 318 9.59 -9.13 -4.55
CA THR A 318 9.45 -10.53 -4.83
C THR A 318 10.82 -11.09 -5.06
N ARG A 319 11.21 -12.09 -4.29
CA ARG A 319 12.51 -12.68 -4.44
C ARG A 319 12.52 -13.73 -5.52
N ASP A 320 13.61 -13.82 -6.26
CA ASP A 320 13.73 -14.80 -7.34
C ASP A 320 13.87 -16.20 -6.80
N GLY A 321 13.48 -17.18 -7.59
CA GLY A 321 13.57 -18.57 -7.21
C GLY A 321 14.72 -19.28 -7.92
N GLY A 322 15.00 -20.48 -7.44
CA GLY A 322 16.02 -21.31 -8.03
C GLY A 322 17.40 -20.77 -7.82
N ALA A 323 17.56 -19.91 -6.84
CA ALA A 323 18.86 -19.34 -6.60
C ALA A 323 19.57 -20.04 -5.50
N ASN A 324 18.97 -21.10 -4.99
CA ASN A 324 19.55 -21.81 -3.87
C ASN A 324 20.98 -22.23 -4.02
N ASN A 325 21.41 -22.52 -5.24
CA ASN A 325 22.77 -22.96 -5.45
C ASN A 325 23.72 -21.87 -5.83
N THR A 326 23.29 -20.62 -5.77
CA THR A 326 24.14 -19.51 -6.11
C THR A 326 24.46 -18.71 -4.87
N SER A 327 25.17 -17.62 -5.01
CA SER A 327 25.48 -16.84 -3.85
C SER A 327 24.72 -15.54 -3.85
N ASN A 328 23.67 -15.49 -4.64
CA ASN A 328 22.90 -14.29 -4.78
C ASN A 328 21.44 -14.46 -4.47
N GLU A 329 20.79 -13.34 -4.18
CA GLU A 329 19.37 -13.30 -3.96
C GLU A 329 18.90 -12.13 -4.77
N THR A 330 17.99 -12.38 -5.68
CA THR A 330 17.48 -11.33 -6.52
C THR A 330 16.10 -10.89 -6.09
N PHE A 331 15.92 -9.59 -6.01
CA PHE A 331 14.68 -9.01 -5.63
C PHE A 331 14.14 -8.05 -6.65
N ARG A 332 12.88 -8.18 -6.99
CA ARG A 332 12.25 -7.29 -7.93
C ARG A 332 10.98 -6.71 -7.34
N PRO A 333 10.64 -5.46 -7.67
CA PRO A 333 9.43 -4.90 -7.10
C PRO A 333 8.19 -5.59 -7.63
N GLY A 334 7.25 -5.86 -6.75
CA GLY A 334 6.04 -6.55 -7.14
C GLY A 334 4.80 -5.76 -6.83
N GLY A 335 3.66 -6.39 -6.90
CA GLY A 335 2.41 -5.73 -6.61
C GLY A 335 1.29 -6.34 -7.37
N GLY A 336 0.08 -5.83 -7.18
CA GLY A 336 -1.07 -6.35 -7.88
C GLY A 336 -2.17 -6.72 -6.95
N ASP A 337 -1.81 -7.35 -5.85
CA ASP A 337 -2.77 -7.74 -4.86
C ASP A 337 -2.76 -6.66 -3.83
N MET A 338 -3.83 -5.89 -3.78
CA MET A 338 -3.91 -4.76 -2.87
C MET A 338 -4.05 -5.10 -1.42
N ARG A 339 -4.46 -6.34 -1.15
CA ARG A 339 -4.62 -6.84 0.24
C ARG A 339 -3.27 -6.68 0.95
N ASP A 340 -2.18 -6.65 0.19
CA ASP A 340 -0.90 -6.50 0.80
C ASP A 340 -0.70 -5.06 1.19
N ASN A 341 -1.27 -4.16 0.42
CA ASN A 341 -1.14 -2.71 0.73
C ASN A 341 -1.88 -2.41 2.03
N TRP A 342 -3.02 -3.05 2.24
CA TRP A 342 -3.77 -2.79 3.46
C TRP A 342 -3.06 -3.44 4.62
N ARG A 343 -2.50 -4.62 4.36
CA ARG A 343 -1.73 -5.42 5.33
C ARG A 343 -0.56 -4.58 5.82
N SER A 344 -0.18 -3.58 5.02
CA SER A 344 0.96 -2.66 5.27
C SER A 344 0.72 -1.80 6.52
N GLU A 345 -0.54 -1.52 6.84
CA GLU A 345 -0.86 -0.64 7.97
C GLU A 345 -1.62 -1.42 9.03
N LEU A 346 -2.37 -2.43 8.63
CA LEU A 346 -3.17 -3.18 9.56
C LEU A 346 -2.46 -4.27 10.30
N TYR A 347 -1.21 -4.51 9.94
CA TYR A 347 -0.43 -5.65 10.45
C TYR A 347 -0.43 -5.74 11.97
N LYS A 348 -0.49 -4.62 12.68
CA LYS A 348 -0.40 -4.61 14.13
C LYS A 348 -1.75 -4.71 14.82
N TYR A 349 -2.80 -5.00 14.09
CA TYR A 349 -4.10 -5.07 14.68
C TYR A 349 -4.68 -6.45 14.58
N LYS A 350 -5.54 -6.81 15.51
CA LYS A 350 -6.18 -8.12 15.49
C LYS A 350 -7.49 -8.07 16.24
N VAL A 351 -8.50 -8.72 15.70
CA VAL A 351 -9.81 -8.75 16.32
C VAL A 351 -10.07 -9.95 17.23
N VAL A 352 -10.40 -9.66 18.46
CA VAL A 352 -10.70 -10.69 19.43
C VAL A 352 -12.04 -10.44 20.05
N GLN A 353 -12.79 -11.49 20.23
CA GLN A 353 -14.09 -11.38 20.83
C GLN A 353 -13.96 -11.47 22.32
N ILE A 354 -14.62 -10.58 23.05
CA ILE A 354 -14.53 -10.68 24.46
C ILE A 354 -15.51 -11.76 24.84
#